data_2DRB
#
_entry.id   2DRB
#
_cell.length_a   58.010
_cell.length_b   58.010
_cell.length_c   428.513
_cell.angle_alpha   90.00
_cell.angle_beta   90.00
_cell.angle_gamma   90.00
#
_symmetry.space_group_name_H-M   'P 43 21 2'
#
loop_
_entity.id
_entity.type
_entity.pdbx_description
1 polymer 'tRNA (35-MER)'
2 polymer 'CCA-adding enzyme'
3 non-polymer 'SULFATE ION'
4 water water
#
loop_
_entity_poly.entity_id
_entity_poly.type
_entity_poly.pdbx_seq_one_letter_code
_entity_poly.pdbx_strand_id
1 'polyribonucleotide' GGCCCGGGGCGGUUCGAUUCCGCCCUGGGCCACCA B
2 'polypeptide(L)'
;MKVEEILEKALELVIPDEEEVRKGREAEEELRRRLDELGVEYVFVGSYARNTWLKGSLEIDVFLLFPEEFSKEELRERGL
EIGKAVLDSYEIRYAEHPYVHGVVKGVEVDVVPCYKLKEPKNIKSAVDRTPFHHKWLEGRIKGKENEVRLLKGFLKANGI
YGAEYKVRGFSGYLCELLIVFYGSFLETVKNARRWTRRTVIDVAKGEVRKGEEFFVVDPVDEKRNVAANLSLDNLARFVH
LCREFMEAPSLGFFKPKHPLEIEPERLRKIVEERGTAVFAVKFRKPDIVDDNLYPQLERASRKIFEFLERENFMPLRSAF
KASEEFCYLLFECQIKEISRVFRRMGPQFEDERNVKKFLSRNRAFRPFIENGRWWAFEMRKFTTPEEGVRSYASTHWHTL
GKNVGESIREYFEIISGEKLFKEPVTAELCEMMGVKD
;
A
#
# COMPACT_ATOMS: atom_id res chain seq x y z
N MET B 1 -3.20 5.14 -33.76
CA MET B 1 -3.44 4.80 -32.33
C MET B 1 -4.86 4.25 -32.09
N LYS B 2 -4.99 2.92 -32.09
CA LYS B 2 -6.26 2.26 -31.83
C LYS B 2 -6.03 1.00 -31.01
N VAL B 3 -6.37 1.05 -29.72
CA VAL B 3 -6.20 -0.08 -28.81
C VAL B 3 -5.34 -1.16 -29.43
N GLU B 4 -5.97 -1.96 -30.29
CA GLU B 4 -5.35 -3.06 -31.01
C GLU B 4 -3.84 -2.92 -31.29
N GLU B 5 -3.47 -1.88 -32.02
CA GLU B 5 -2.06 -1.65 -32.36
C GLU B 5 -1.24 -1.17 -31.17
N ILE B 6 -1.88 -0.42 -30.27
CA ILE B 6 -1.21 0.06 -29.07
C ILE B 6 -0.74 -1.13 -28.26
N LEU B 7 -1.61 -2.12 -28.12
CA LEU B 7 -1.30 -3.32 -27.37
C LEU B 7 -0.17 -4.09 -28.04
N GLU B 8 -0.10 -3.98 -29.37
CA GLU B 8 0.95 -4.67 -30.12
C GLU B 8 2.33 -4.12 -29.72
N LYS B 9 2.43 -2.80 -29.54
CA LYS B 9 3.67 -2.17 -29.13
C LYS B 9 3.93 -2.43 -27.65
N ALA B 10 2.85 -2.47 -26.88
CA ALA B 10 2.93 -2.69 -25.44
C ALA B 10 3.67 -3.98 -25.05
N LEU B 11 3.48 -5.05 -25.84
CA LEU B 11 4.13 -6.32 -25.58
C LEU B 11 5.63 -6.11 -25.43
N GLU B 12 6.19 -5.32 -26.33
CA GLU B 12 7.61 -5.03 -26.30
C GLU B 12 8.04 -4.61 -24.90
N LEU B 13 7.25 -3.74 -24.30
CA LEU B 13 7.54 -3.24 -22.97
C LEU B 13 7.38 -4.28 -21.87
N VAL B 14 6.43 -5.21 -22.03
CA VAL B 14 6.19 -6.20 -20.99
C VAL B 14 6.66 -7.63 -21.22
N ILE B 15 7.01 -7.99 -22.45
CA ILE B 15 7.46 -9.36 -22.70
C ILE B 15 8.96 -9.47 -22.44
N PRO B 16 9.37 -10.38 -21.58
CA PRO B 16 10.79 -10.53 -21.30
C PRO B 16 11.57 -10.82 -22.57
N ASP B 17 12.74 -10.22 -22.71
CA ASP B 17 13.59 -10.45 -23.88
C ASP B 17 14.37 -11.74 -23.73
N GLU B 18 14.43 -12.54 -24.79
CA GLU B 18 15.10 -13.83 -24.76
C GLU B 18 16.37 -13.95 -23.93
N GLU B 19 17.08 -12.85 -23.72
CA GLU B 19 18.28 -12.92 -22.92
C GLU B 19 17.91 -13.09 -21.45
N GLU B 20 16.92 -12.31 -21.02
CA GLU B 20 16.46 -12.39 -19.64
C GLU B 20 15.81 -13.74 -19.43
N VAL B 21 15.09 -14.24 -20.43
CA VAL B 21 14.45 -15.54 -20.31
C VAL B 21 15.51 -16.62 -20.06
N ARG B 22 16.67 -16.50 -20.73
CA ARG B 22 17.76 -17.45 -20.57
C ARG B 22 18.32 -17.37 -19.16
N LYS B 23 18.78 -16.18 -18.80
CA LYS B 23 19.36 -15.91 -17.49
C LYS B 23 18.49 -16.59 -16.43
N GLY B 24 17.19 -16.67 -16.69
CA GLY B 24 16.28 -17.31 -15.75
C GLY B 24 16.28 -18.82 -15.86
N ARG B 25 16.21 -19.34 -17.09
CA ARG B 25 16.20 -20.78 -17.30
C ARG B 25 17.51 -21.35 -16.76
N GLU B 26 18.57 -20.57 -16.86
CA GLU B 26 19.90 -20.98 -16.42
C GLU B 26 20.05 -20.99 -14.90
N ALA B 27 19.31 -20.11 -14.22
CA ALA B 27 19.34 -20.02 -12.78
C ALA B 27 18.47 -21.13 -12.20
N GLU B 28 17.34 -21.36 -12.85
CA GLU B 28 16.43 -22.41 -12.44
C GLU B 28 17.23 -23.70 -12.43
N GLU B 29 17.92 -23.94 -13.55
CA GLU B 29 18.77 -25.10 -13.71
C GLU B 29 19.60 -25.30 -12.46
N GLU B 30 20.33 -24.24 -12.09
CA GLU B 30 21.20 -24.26 -10.92
C GLU B 30 20.48 -24.56 -9.62
N LEU B 31 19.36 -23.89 -9.39
CA LEU B 31 18.57 -24.11 -8.18
C LEU B 31 18.33 -25.61 -7.96
N ARG B 32 17.75 -26.27 -8.95
CA ARG B 32 17.47 -27.69 -8.85
C ARG B 32 18.72 -28.46 -8.45
N ARG B 33 19.74 -28.38 -9.29
CA ARG B 33 20.99 -29.07 -9.04
C ARG B 33 21.45 -28.88 -7.59
N ARG B 34 21.48 -27.63 -7.13
CA ARG B 34 21.89 -27.35 -5.78
C ARG B 34 20.96 -28.07 -4.81
N LEU B 35 19.66 -27.88 -5.04
CA LEU B 35 18.64 -28.48 -4.19
C LEU B 35 18.71 -30.00 -4.12
N ASP B 36 18.82 -30.66 -5.28
CA ASP B 36 18.88 -32.12 -5.32
C ASP B 36 20.06 -32.64 -4.51
N GLU B 37 21.22 -32.03 -4.70
CA GLU B 37 22.42 -32.44 -3.95
C GLU B 37 22.07 -32.49 -2.46
N LEU B 38 21.15 -31.63 -2.04
CA LEU B 38 20.75 -31.59 -0.64
C LEU B 38 19.65 -32.60 -0.38
N GLY B 39 18.97 -33.02 -1.44
CA GLY B 39 17.89 -33.98 -1.28
C GLY B 39 16.66 -33.47 -0.55
N VAL B 40 16.24 -32.24 -0.83
CA VAL B 40 15.05 -31.71 -0.17
C VAL B 40 13.87 -31.71 -1.15
N GLU B 41 12.66 -31.74 -0.61
CA GLU B 41 11.47 -31.74 -1.46
C GLU B 41 11.12 -30.30 -1.80
N TYR B 42 10.87 -30.01 -3.07
CA TYR B 42 10.56 -28.64 -3.46
C TYR B 42 9.78 -28.52 -4.75
N VAL B 43 9.15 -27.36 -4.92
CA VAL B 43 8.34 -27.10 -6.10
C VAL B 43 8.52 -25.67 -6.58
N PHE B 44 8.65 -25.51 -7.90
CA PHE B 44 8.80 -24.18 -8.46
C PHE B 44 7.42 -23.60 -8.75
N VAL B 45 7.09 -22.51 -8.09
CA VAL B 45 5.80 -21.86 -8.31
C VAL B 45 6.02 -20.42 -8.73
N GLY B 46 5.01 -19.58 -8.53
CA GLY B 46 5.14 -18.18 -8.90
C GLY B 46 4.99 -17.91 -10.38
N SER B 47 5.14 -16.64 -10.76
CA SER B 47 5.01 -16.23 -12.14
C SER B 47 6.16 -16.74 -12.99
N TYR B 48 7.25 -17.11 -12.34
CA TYR B 48 8.37 -17.63 -13.13
C TYR B 48 8.01 -19.02 -13.60
N ALA B 49 7.41 -19.79 -12.70
CA ALA B 49 7.00 -21.15 -13.02
C ALA B 49 5.90 -21.18 -14.06
N ARG B 50 5.13 -20.11 -14.13
CA ARG B 50 4.02 -20.04 -15.07
C ARG B 50 4.33 -19.13 -16.24
N ASN B 51 5.56 -18.66 -16.31
CA ASN B 51 5.98 -17.78 -17.38
C ASN B 51 5.03 -16.61 -17.58
N THR B 52 4.79 -15.86 -16.52
CA THR B 52 3.92 -14.70 -16.58
C THR B 52 4.57 -13.53 -15.83
N TRP B 53 5.89 -13.55 -15.69
CA TRP B 53 6.55 -12.46 -14.99
C TRP B 53 6.74 -11.26 -15.89
N LEU B 54 6.67 -10.09 -15.29
CA LEU B 54 6.81 -8.83 -16.00
C LEU B 54 8.22 -8.63 -16.51
N LYS B 55 8.35 -8.34 -17.80
CA LYS B 55 9.68 -8.14 -18.37
C LYS B 55 10.41 -7.18 -17.43
N GLY B 56 11.64 -7.53 -17.06
CA GLY B 56 12.42 -6.68 -16.17
C GLY B 56 12.17 -6.97 -14.71
N SER B 57 11.37 -7.99 -14.43
CA SER B 57 11.07 -8.36 -13.05
C SER B 57 11.22 -9.87 -12.86
N LEU B 58 12.29 -10.40 -13.43
CA LEU B 58 12.58 -11.82 -13.33
C LEU B 58 12.90 -12.19 -11.89
N GLU B 59 12.17 -13.14 -11.34
CA GLU B 59 12.40 -13.59 -9.97
C GLU B 59 11.89 -15.02 -9.83
N ILE B 60 12.65 -15.87 -9.13
CA ILE B 60 12.26 -17.27 -8.96
C ILE B 60 11.70 -17.60 -7.58
N ASP B 61 10.57 -18.31 -7.58
CA ASP B 61 9.91 -18.74 -6.34
C ASP B 61 10.06 -20.25 -6.19
N VAL B 62 10.75 -20.68 -5.14
CA VAL B 62 10.92 -22.11 -4.86
C VAL B 62 10.33 -22.37 -3.48
N PHE B 63 9.35 -23.26 -3.40
CA PHE B 63 8.72 -23.55 -2.13
C PHE B 63 9.17 -24.88 -1.56
N LEU B 64 9.69 -24.86 -0.34
CA LEU B 64 10.16 -26.09 0.31
C LEU B 64 9.01 -26.74 1.07
N LEU B 65 8.56 -27.91 0.62
CA LEU B 65 7.45 -28.61 1.24
C LEU B 65 7.79 -29.45 2.47
N PHE B 66 7.14 -29.16 3.58
CA PHE B 66 7.35 -29.91 4.81
C PHE B 66 6.05 -30.58 5.26
N PRO B 67 6.17 -31.66 6.05
CA PRO B 67 5.01 -32.40 6.57
C PRO B 67 4.19 -31.49 7.48
N GLU B 68 2.87 -31.62 7.45
CA GLU B 68 2.06 -30.75 8.30
C GLU B 68 2.14 -31.01 9.80
N GLU B 69 3.03 -31.93 10.21
CA GLU B 69 3.17 -32.22 11.63
C GLU B 69 4.28 -31.39 12.23
N PHE B 70 5.15 -30.86 11.36
CA PHE B 70 6.26 -30.03 11.80
C PHE B 70 5.81 -28.73 12.44
N SER B 71 6.55 -28.31 13.45
CA SER B 71 6.26 -27.06 14.14
C SER B 71 6.67 -25.89 13.26
N LYS B 72 6.09 -24.73 13.54
CA LYS B 72 6.43 -23.54 12.78
C LYS B 72 7.91 -23.24 12.95
N GLU B 73 8.43 -23.52 14.14
CA GLU B 73 9.84 -23.29 14.44
C GLU B 73 10.71 -24.14 13.54
N GLU B 74 10.28 -25.38 13.29
CA GLU B 74 11.06 -26.27 12.45
C GLU B 74 11.17 -25.69 11.04
N LEU B 75 10.04 -25.30 10.45
CA LEU B 75 10.04 -24.74 9.11
C LEU B 75 11.07 -23.63 9.01
N ARG B 76 10.95 -22.64 9.89
CA ARG B 76 11.87 -21.51 9.91
C ARG B 76 13.33 -21.95 9.93
N GLU B 77 13.72 -22.67 11.00
CA GLU B 77 15.10 -23.10 11.14
C GLU B 77 15.63 -23.93 9.96
N ARG B 78 14.86 -24.94 9.53
CA ARG B 78 15.31 -25.76 8.40
C ARG B 78 15.19 -25.03 7.08
N GLY B 79 14.10 -24.31 6.90
CA GLY B 79 13.91 -23.57 5.67
C GLY B 79 15.06 -22.60 5.46
N LEU B 80 15.31 -21.77 6.48
CA LEU B 80 16.39 -20.80 6.40
C LEU B 80 17.71 -21.55 6.20
N GLU B 81 17.83 -22.69 6.87
CA GLU B 81 19.03 -23.51 6.77
C GLU B 81 19.27 -23.89 5.32
N ILE B 82 18.21 -24.35 4.65
CA ILE B 82 18.29 -24.74 3.25
C ILE B 82 18.64 -23.55 2.35
N GLY B 83 17.83 -22.50 2.46
CA GLY B 83 18.03 -21.32 1.64
C GLY B 83 19.44 -20.74 1.70
N LYS B 84 19.98 -20.64 2.91
CA LYS B 84 21.31 -20.08 3.07
C LYS B 84 22.35 -20.91 2.32
N ALA B 85 22.13 -22.22 2.24
CA ALA B 85 23.09 -23.10 1.59
C ALA B 85 22.89 -23.22 0.09
N VAL B 86 21.76 -22.76 -0.40
CA VAL B 86 21.49 -22.87 -1.83
C VAL B 86 21.61 -21.56 -2.59
N LEU B 87 21.80 -20.46 -1.88
CA LEU B 87 21.92 -19.14 -2.52
C LEU B 87 23.34 -18.55 -2.58
N ASP B 88 23.61 -17.71 -3.58
CA ASP B 88 24.93 -17.10 -3.69
C ASP B 88 25.14 -16.09 -2.59
N SER B 89 24.06 -15.42 -2.20
CA SER B 89 24.08 -14.46 -1.11
C SER B 89 22.62 -14.35 -0.69
N TYR B 90 22.40 -14.01 0.57
CA TYR B 90 21.04 -13.94 1.04
C TYR B 90 20.75 -12.79 1.96
N GLU B 91 19.47 -12.64 2.29
CA GLU B 91 18.99 -11.57 3.14
C GLU B 91 17.73 -12.07 3.85
N ILE B 92 17.87 -12.48 5.11
CA ILE B 92 16.73 -12.94 5.88
C ILE B 92 16.02 -11.71 6.42
N ARG B 93 14.83 -11.40 5.90
CA ARG B 93 14.08 -10.21 6.32
C ARG B 93 12.60 -10.34 5.90
N TYR B 94 11.72 -10.60 6.87
CA TYR B 94 10.29 -10.77 6.62
C TYR B 94 9.51 -10.22 7.82
N ALA B 95 8.18 -10.21 7.72
CA ALA B 95 7.34 -9.66 8.80
C ALA B 95 6.68 -10.69 9.72
N GLU B 96 6.43 -11.88 9.19
CA GLU B 96 5.81 -12.93 9.99
C GLU B 96 6.20 -14.31 9.51
N HIS B 97 5.83 -14.64 8.28
CA HIS B 97 6.18 -15.96 7.75
C HIS B 97 7.62 -15.92 7.25
N PRO B 98 8.50 -16.71 7.89
CA PRO B 98 9.94 -16.82 7.57
C PRO B 98 10.25 -17.30 6.17
N TYR B 99 11.37 -16.84 5.63
CA TYR B 99 11.79 -17.24 4.29
C TYR B 99 13.08 -16.51 3.94
N VAL B 100 13.80 -17.02 2.95
CA VAL B 100 15.07 -16.41 2.56
C VAL B 100 15.02 -15.83 1.15
N HIS B 101 15.61 -14.66 0.97
CA HIS B 101 15.65 -14.09 -0.37
C HIS B 101 17.10 -14.00 -0.77
N GLY B 102 17.37 -14.19 -2.06
CA GLY B 102 18.74 -14.14 -2.53
C GLY B 102 18.97 -14.17 -4.03
N VAL B 103 20.22 -14.46 -4.41
CA VAL B 103 20.60 -14.49 -5.81
C VAL B 103 21.31 -15.77 -6.21
N VAL B 104 20.93 -16.30 -7.37
CA VAL B 104 21.57 -17.49 -7.89
C VAL B 104 21.89 -17.21 -9.34
N LYS B 105 23.18 -17.16 -9.66
CA LYS B 105 23.62 -16.88 -11.01
C LYS B 105 22.90 -15.65 -11.53
N GLY B 106 22.91 -14.60 -10.71
CA GLY B 106 22.31 -13.32 -11.07
C GLY B 106 20.84 -13.05 -10.89
N VAL B 107 20.04 -14.06 -10.57
CA VAL B 107 18.62 -13.82 -10.44
C VAL B 107 18.07 -13.84 -9.01
N GLU B 108 17.05 -13.03 -8.78
CA GLU B 108 16.37 -12.91 -7.49
C GLU B 108 15.61 -14.18 -7.18
N VAL B 109 15.79 -14.73 -5.98
CA VAL B 109 15.11 -15.97 -5.62
C VAL B 109 14.40 -15.96 -4.27
N ASP B 110 13.21 -16.51 -4.21
CA ASP B 110 12.48 -16.59 -2.95
C ASP B 110 12.47 -18.04 -2.51
N VAL B 111 13.14 -18.34 -1.40
CA VAL B 111 13.16 -19.70 -0.90
C VAL B 111 12.19 -19.76 0.25
N VAL B 112 10.95 -20.13 -0.04
CA VAL B 112 9.88 -20.18 0.95
C VAL B 112 9.52 -21.56 1.47
N PRO B 113 9.43 -21.71 2.78
CA PRO B 113 9.09 -22.98 3.41
C PRO B 113 7.59 -23.02 3.69
N CYS B 114 6.96 -24.18 3.52
CA CYS B 114 5.53 -24.28 3.79
C CYS B 114 5.05 -25.72 3.87
N TYR B 115 4.05 -25.94 4.74
CA TYR B 115 3.48 -27.26 4.95
C TYR B 115 2.81 -27.78 3.69
N LYS B 116 3.16 -28.99 3.27
CA LYS B 116 2.54 -29.56 2.08
C LYS B 116 1.24 -30.24 2.49
N LEU B 117 0.14 -29.60 2.16
CA LEU B 117 -1.16 -30.13 2.49
C LEU B 117 -1.83 -30.75 1.28
N LYS B 118 -3.01 -31.30 1.55
CA LYS B 118 -3.88 -31.88 0.55
C LYS B 118 -5.06 -30.93 0.76
N GLU B 119 -5.59 -30.34 -0.31
CA GLU B 119 -6.70 -29.40 -0.16
C GLU B 119 -6.30 -28.25 0.78
N PRO B 120 -6.30 -27.01 0.27
CA PRO B 120 -5.92 -25.86 1.08
C PRO B 120 -7.10 -25.43 1.94
N LYS B 121 -7.59 -26.32 2.78
CA LYS B 121 -8.71 -25.94 3.62
C LYS B 121 -8.31 -25.12 4.82
N ASN B 122 -7.64 -25.73 5.77
CA ASN B 122 -7.25 -25.03 6.98
C ASN B 122 -5.82 -24.55 7.08
N ILE B 123 -5.34 -23.94 6.00
CA ILE B 123 -3.99 -23.39 5.93
C ILE B 123 -3.33 -23.22 7.30
N LYS B 124 -2.20 -23.89 7.51
CA LYS B 124 -1.47 -23.81 8.78
C LYS B 124 -0.31 -22.79 8.73
N SER B 125 0.04 -22.38 7.51
CA SER B 125 1.10 -21.41 7.26
C SER B 125 0.54 -20.35 6.34
N ALA B 126 0.88 -19.09 6.59
CA ALA B 126 0.34 -18.03 5.75
C ALA B 126 0.48 -18.28 4.25
N VAL B 127 1.50 -19.03 3.87
CA VAL B 127 1.77 -19.29 2.46
C VAL B 127 1.18 -20.55 1.84
N ASP B 128 0.62 -21.43 2.66
CA ASP B 128 0.05 -22.70 2.19
C ASP B 128 -0.80 -22.75 0.92
N ARG B 129 -1.43 -21.65 0.53
CA ARG B 129 -2.25 -21.67 -0.68
C ARG B 129 -1.43 -21.68 -1.97
N THR B 130 -0.27 -21.04 -1.94
CA THR B 130 0.56 -20.91 -3.12
C THR B 130 0.75 -22.16 -3.98
N PRO B 131 1.17 -23.28 -3.38
CA PRO B 131 1.34 -24.46 -4.24
C PRO B 131 0.08 -24.80 -5.03
N PHE B 132 -1.09 -24.64 -4.42
CA PHE B 132 -2.34 -24.95 -5.10
C PHE B 132 -2.70 -23.88 -6.13
N HIS B 133 -2.24 -22.66 -5.93
CA HIS B 133 -2.50 -21.59 -6.89
C HIS B 133 -1.84 -21.98 -8.17
N HIS B 134 -0.68 -22.62 -8.04
CA HIS B 134 0.06 -23.02 -9.20
C HIS B 134 -0.59 -24.17 -9.94
N LYS B 135 -1.21 -25.08 -9.20
CA LYS B 135 -1.87 -26.20 -9.85
C LYS B 135 -3.08 -25.70 -10.61
N TRP B 136 -3.94 -24.96 -9.90
CA TRP B 136 -5.17 -24.43 -10.46
C TRP B 136 -4.91 -23.56 -11.67
N LEU B 137 -3.85 -22.76 -11.58
CA LEU B 137 -3.48 -21.80 -12.61
C LEU B 137 -2.71 -22.34 -13.80
N GLU B 138 -1.79 -23.27 -13.56
CA GLU B 138 -0.95 -23.82 -14.62
C GLU B 138 -1.66 -24.28 -15.88
N GLY B 139 -2.77 -24.99 -15.72
CA GLY B 139 -3.50 -25.50 -16.88
C GLY B 139 -4.47 -24.53 -17.53
N ARG B 140 -4.85 -23.48 -16.82
CA ARG B 140 -5.79 -22.54 -17.38
C ARG B 140 -5.10 -21.31 -17.94
N ILE B 141 -4.03 -20.88 -17.29
CA ILE B 141 -3.34 -19.69 -17.74
C ILE B 141 -2.51 -19.98 -18.98
N LYS B 142 -2.44 -21.24 -19.35
CA LYS B 142 -1.66 -21.69 -20.50
C LYS B 142 -2.13 -20.93 -21.73
N GLY B 143 -1.18 -20.31 -22.44
CA GLY B 143 -1.49 -19.57 -23.65
C GLY B 143 -1.96 -18.13 -23.52
N LYS B 144 -2.18 -17.65 -22.30
CA LYS B 144 -2.64 -16.28 -22.12
C LYS B 144 -1.71 -15.46 -21.22
N GLU B 145 -0.49 -15.96 -21.08
CA GLU B 145 0.53 -15.33 -20.25
C GLU B 145 0.91 -13.91 -20.66
N ASN B 146 0.78 -13.61 -21.94
CA ASN B 146 1.10 -12.27 -22.41
C ASN B 146 -0.03 -11.31 -22.06
N GLU B 147 -1.24 -11.84 -21.99
CA GLU B 147 -2.38 -11.02 -21.64
C GLU B 147 -2.16 -10.66 -20.18
N VAL B 148 -1.54 -11.57 -19.43
CA VAL B 148 -1.26 -11.34 -18.03
C VAL B 148 -0.25 -10.22 -17.92
N ARG B 149 0.82 -10.34 -18.70
CA ARG B 149 1.88 -9.34 -18.71
C ARG B 149 1.39 -7.95 -19.09
N LEU B 150 0.40 -7.88 -19.98
CA LEU B 150 -0.12 -6.57 -20.35
C LEU B 150 -0.72 -5.95 -19.09
N LEU B 151 -1.64 -6.67 -18.46
CA LEU B 151 -2.28 -6.14 -17.26
C LEU B 151 -1.26 -5.79 -16.16
N LYS B 152 -0.27 -6.65 -15.95
CA LYS B 152 0.73 -6.36 -14.93
C LYS B 152 1.46 -5.07 -15.27
N GLY B 153 1.96 -4.99 -16.50
CA GLY B 153 2.66 -3.78 -16.93
C GLY B 153 1.80 -2.55 -16.81
N PHE B 154 0.50 -2.74 -17.01
CA PHE B 154 -0.49 -1.67 -16.95
C PHE B 154 -0.56 -1.11 -15.54
N LEU B 155 -0.85 -1.99 -14.59
CA LEU B 155 -0.98 -1.59 -13.20
C LEU B 155 0.33 -1.07 -12.60
N LYS B 156 1.44 -1.60 -13.10
CA LYS B 156 2.76 -1.22 -12.60
C LYS B 156 3.02 0.24 -12.86
N ALA B 157 3.12 0.58 -14.14
CA ALA B 157 3.37 1.95 -14.58
C ALA B 157 2.48 2.96 -13.89
N ASN B 158 1.33 2.50 -13.40
CA ASN B 158 0.38 3.38 -12.74
C ASN B 158 0.37 3.25 -11.22
N GLY B 159 1.48 2.74 -10.69
CA GLY B 159 1.65 2.61 -9.25
C GLY B 159 0.68 1.85 -8.38
N ILE B 160 -0.07 0.93 -8.96
CA ILE B 160 -1.02 0.15 -8.19
C ILE B 160 -0.87 -1.35 -8.45
N TYR B 161 0.38 -1.79 -8.63
CA TYR B 161 0.61 -3.19 -8.89
C TYR B 161 0.78 -4.02 -7.63
N GLY B 162 1.77 -3.73 -6.80
CA GLY B 162 1.92 -4.54 -5.60
C GLY B 162 0.68 -4.65 -4.69
N ALA B 163 0.56 -5.79 -4.01
CA ALA B 163 -0.55 -5.98 -3.09
C ALA B 163 -0.11 -5.82 -1.64
N GLU B 164 1.16 -5.45 -1.45
CA GLU B 164 1.71 -5.26 -0.12
C GLU B 164 1.24 -3.91 0.39
N TYR B 165 1.31 -3.69 1.70
CA TYR B 165 0.87 -2.43 2.30
C TYR B 165 1.45 -1.16 1.69
N LYS B 166 2.60 -1.25 1.05
CA LYS B 166 3.15 -0.05 0.46
C LYS B 166 2.40 0.32 -0.81
N VAL B 167 1.66 -0.63 -1.38
CA VAL B 167 0.92 -0.33 -2.59
C VAL B 167 -0.58 -0.46 -2.41
N ARG B 168 -1.01 -1.53 -1.77
CA ARG B 168 -2.44 -1.76 -1.59
C ARG B 168 -3.07 -1.76 -2.97
N GLY B 169 -2.46 -2.54 -3.88
CA GLY B 169 -2.93 -2.64 -5.24
C GLY B 169 -3.31 -4.06 -5.65
N PHE B 170 -3.04 -4.42 -6.91
CA PHE B 170 -3.37 -5.74 -7.43
C PHE B 170 -2.21 -6.75 -7.41
N SER B 171 -2.32 -7.80 -6.58
CA SER B 171 -1.27 -8.80 -6.53
C SER B 171 -1.14 -9.50 -7.88
N GLY B 172 0.05 -10.02 -8.17
CA GLY B 172 0.28 -10.70 -9.44
C GLY B 172 -0.75 -11.79 -9.69
N TYR B 173 -1.03 -12.56 -8.65
CA TYR B 173 -2.01 -13.64 -8.72
C TYR B 173 -3.38 -13.06 -9.07
N LEU B 174 -3.75 -11.97 -8.40
CA LEU B 174 -5.03 -11.36 -8.68
C LEU B 174 -5.11 -11.11 -10.19
N CYS B 175 -4.01 -10.65 -10.76
CA CYS B 175 -3.94 -10.37 -12.20
C CYS B 175 -4.21 -11.62 -13.04
N GLU B 176 -3.61 -12.74 -12.65
CA GLU B 176 -3.80 -13.97 -13.40
C GLU B 176 -5.25 -14.44 -13.29
N LEU B 177 -5.84 -14.26 -12.11
CA LEU B 177 -7.21 -14.67 -11.96
C LEU B 177 -8.08 -13.82 -12.90
N LEU B 178 -7.81 -12.52 -12.94
CA LEU B 178 -8.56 -11.62 -13.80
C LEU B 178 -8.46 -12.02 -15.27
N ILE B 179 -7.29 -12.48 -15.70
CA ILE B 179 -7.11 -12.92 -17.08
C ILE B 179 -7.87 -14.21 -17.33
N VAL B 180 -7.68 -15.21 -16.46
CA VAL B 180 -8.41 -16.45 -16.65
C VAL B 180 -9.90 -16.15 -16.76
N PHE B 181 -10.38 -15.27 -15.89
CA PHE B 181 -11.78 -14.90 -15.86
C PHE B 181 -12.28 -14.16 -17.11
N TYR B 182 -11.68 -13.01 -17.40
CA TYR B 182 -12.11 -12.23 -18.54
C TYR B 182 -11.55 -12.68 -19.87
N GLY B 183 -10.42 -13.36 -19.87
CA GLY B 183 -9.87 -13.85 -21.12
C GLY B 183 -8.71 -13.09 -21.73
N SER B 184 -8.64 -11.77 -21.49
CA SER B 184 -7.55 -10.99 -22.05
C SER B 184 -7.42 -9.62 -21.38
N PHE B 185 -6.28 -8.97 -21.60
CA PHE B 185 -6.07 -7.66 -21.02
C PHE B 185 -7.12 -6.68 -21.47
N LEU B 186 -7.62 -6.86 -22.69
CA LEU B 186 -8.62 -5.94 -23.20
C LEU B 186 -9.95 -6.11 -22.51
N GLU B 187 -10.47 -7.34 -22.50
CA GLU B 187 -11.74 -7.66 -21.88
C GLU B 187 -11.81 -7.18 -20.44
N THR B 188 -10.72 -7.38 -19.71
CA THR B 188 -10.65 -6.97 -18.31
C THR B 188 -10.79 -5.46 -18.20
N VAL B 189 -9.96 -4.74 -18.94
CA VAL B 189 -10.01 -3.28 -18.90
C VAL B 189 -11.41 -2.84 -19.30
N LYS B 190 -11.97 -3.46 -20.35
CA LYS B 190 -13.30 -3.12 -20.82
C LYS B 190 -14.32 -3.29 -19.70
N ASN B 191 -14.38 -4.49 -19.15
CA ASN B 191 -15.31 -4.80 -18.07
C ASN B 191 -15.03 -4.05 -16.78
N ALA B 192 -13.76 -3.77 -16.51
CA ALA B 192 -13.39 -3.06 -15.29
C ALA B 192 -14.11 -1.71 -15.20
N ARG B 193 -14.31 -1.06 -16.34
CA ARG B 193 -14.98 0.24 -16.39
C ARG B 193 -16.31 0.23 -15.65
N ARG B 194 -16.87 -0.96 -15.44
CA ARG B 194 -18.15 -1.10 -14.75
C ARG B 194 -18.09 -1.71 -13.35
N TRP B 195 -16.91 -1.92 -12.80
CA TRP B 195 -16.81 -2.48 -11.44
C TRP B 195 -17.25 -1.44 -10.40
N THR B 196 -17.77 -1.91 -9.27
CA THR B 196 -18.20 -1.01 -8.21
C THR B 196 -17.61 -1.52 -6.89
N ARG B 197 -17.62 -0.66 -5.87
CA ARG B 197 -17.06 -1.03 -4.58
C ARG B 197 -17.80 -2.19 -3.94
N ARG B 198 -18.66 -2.87 -4.72
CA ARG B 198 -19.41 -4.02 -4.23
C ARG B 198 -19.20 -5.22 -5.15
N THR B 199 -18.52 -5.01 -6.27
CA THR B 199 -18.30 -6.09 -7.22
C THR B 199 -17.62 -7.32 -6.64
N VAL B 200 -18.20 -8.48 -6.92
CA VAL B 200 -17.68 -9.77 -6.46
C VAL B 200 -17.41 -10.66 -7.68
N ILE B 201 -16.15 -11.04 -7.86
CA ILE B 201 -15.75 -11.89 -8.98
C ILE B 201 -15.49 -13.27 -8.40
N ASP B 202 -16.27 -14.26 -8.81
CA ASP B 202 -16.06 -15.61 -8.31
C ASP B 202 -15.59 -16.45 -9.50
N VAL B 203 -14.28 -16.44 -9.75
CA VAL B 203 -13.70 -17.18 -10.88
C VAL B 203 -14.13 -18.64 -10.86
N ALA B 204 -14.00 -19.28 -9.71
CA ALA B 204 -14.38 -20.67 -9.60
C ALA B 204 -15.79 -20.91 -10.18
N LYS B 205 -16.74 -20.05 -9.84
CA LYS B 205 -18.11 -20.21 -10.33
C LYS B 205 -18.38 -19.53 -11.68
N GLY B 206 -17.33 -19.00 -12.30
CA GLY B 206 -17.49 -18.31 -13.57
C GLY B 206 -18.65 -17.33 -13.41
N GLU B 207 -18.60 -16.51 -12.37
CA GLU B 207 -19.68 -15.60 -12.08
C GLU B 207 -19.27 -14.28 -11.44
N VAL B 208 -20.09 -13.25 -11.67
CA VAL B 208 -19.88 -11.92 -11.11
C VAL B 208 -21.16 -11.49 -10.42
N ARG B 209 -21.15 -11.47 -9.09
CA ARG B 209 -22.33 -11.04 -8.35
C ARG B 209 -22.04 -9.73 -7.63
N LYS B 210 -23.01 -9.29 -6.83
CA LYS B 210 -22.90 -8.05 -6.06
C LYS B 210 -22.72 -8.49 -4.60
N GLY B 211 -21.95 -7.71 -3.83
CA GLY B 211 -21.71 -8.07 -2.45
C GLY B 211 -21.61 -6.88 -1.52
N GLU B 212 -20.93 -7.08 -0.39
CA GLU B 212 -20.76 -6.04 0.61
C GLU B 212 -19.52 -5.19 0.36
N GLU B 213 -18.64 -5.69 -0.49
CA GLU B 213 -17.39 -4.99 -0.77
C GLU B 213 -16.64 -5.74 -1.85
N PHE B 214 -15.73 -5.05 -2.55
CA PHE B 214 -14.96 -5.67 -3.61
C PHE B 214 -14.38 -6.99 -3.12
N PHE B 215 -14.59 -8.04 -3.89
CA PHE B 215 -14.12 -9.34 -3.46
C PHE B 215 -13.90 -10.28 -4.64
N VAL B 216 -12.66 -10.73 -4.80
CA VAL B 216 -12.30 -11.65 -5.85
C VAL B 216 -12.05 -12.98 -5.14
N VAL B 217 -13.03 -13.88 -5.18
CA VAL B 217 -12.85 -15.14 -4.48
C VAL B 217 -11.93 -16.14 -5.15
N ASP B 218 -10.87 -16.46 -4.41
CA ASP B 218 -9.83 -17.40 -4.80
C ASP B 218 -10.42 -18.76 -5.16
N PRO B 219 -10.13 -19.27 -6.36
CA PRO B 219 -10.67 -20.57 -6.78
C PRO B 219 -10.28 -21.69 -5.85
N VAL B 220 -9.20 -21.46 -5.10
CA VAL B 220 -8.64 -22.42 -4.18
C VAL B 220 -9.19 -22.39 -2.74
N ASP B 221 -9.69 -21.23 -2.31
CA ASP B 221 -10.23 -21.09 -0.95
C ASP B 221 -11.37 -20.10 -1.08
N GLU B 222 -12.60 -20.61 -1.14
CA GLU B 222 -13.76 -19.76 -1.30
C GLU B 222 -14.02 -18.71 -0.24
N LYS B 223 -13.29 -18.77 0.86
CA LYS B 223 -13.46 -17.78 1.90
C LYS B 223 -12.34 -16.74 1.77
N ARG B 224 -11.47 -16.91 0.79
CA ARG B 224 -10.35 -16.00 0.60
C ARG B 224 -10.54 -14.91 -0.44
N ASN B 225 -10.44 -13.65 0.00
CA ASN B 225 -10.57 -12.52 -0.90
C ASN B 225 -9.19 -12.13 -1.42
N VAL B 226 -8.84 -12.63 -2.60
CA VAL B 226 -7.56 -12.34 -3.21
C VAL B 226 -7.24 -10.85 -3.16
N ALA B 227 -8.26 -10.04 -3.44
CA ALA B 227 -8.13 -8.58 -3.46
C ALA B 227 -8.42 -7.95 -2.11
N ALA B 228 -8.24 -8.74 -1.05
CA ALA B 228 -8.50 -8.23 0.27
C ALA B 228 -7.82 -6.89 0.56
N ASN B 229 -6.53 -6.81 0.28
CA ASN B 229 -5.74 -5.62 0.57
C ASN B 229 -5.77 -4.52 -0.50
N LEU B 230 -6.63 -4.67 -1.51
CA LEU B 230 -6.74 -3.64 -2.55
C LEU B 230 -7.52 -2.48 -1.95
N SER B 231 -6.88 -1.33 -1.75
CA SER B 231 -7.57 -0.19 -1.15
C SER B 231 -8.74 0.27 -2.00
N LEU B 232 -9.65 1.03 -1.41
CA LEU B 232 -10.79 1.52 -2.15
C LEU B 232 -10.32 2.47 -3.24
N ASP B 233 -9.55 3.46 -2.84
CA ASP B 233 -9.03 4.47 -3.75
C ASP B 233 -8.26 3.90 -4.95
N ASN B 234 -7.48 2.85 -4.72
CA ASN B 234 -6.73 2.25 -5.82
C ASN B 234 -7.68 1.50 -6.74
N LEU B 235 -8.74 0.95 -6.17
CA LEU B 235 -9.73 0.24 -6.95
C LEU B 235 -10.32 1.30 -7.88
N ALA B 236 -10.64 2.45 -7.29
CA ALA B 236 -11.22 3.56 -8.02
C ALA B 236 -10.29 4.02 -9.13
N ARG B 237 -9.01 4.18 -8.80
CA ARG B 237 -8.02 4.62 -9.76
C ARG B 237 -7.97 3.66 -10.94
N PHE B 238 -7.97 2.36 -10.66
CA PHE B 238 -7.90 1.36 -11.71
C PHE B 238 -9.07 1.51 -12.66
N VAL B 239 -10.28 1.39 -12.12
CA VAL B 239 -11.49 1.51 -12.91
C VAL B 239 -11.37 2.76 -13.79
N HIS B 240 -11.24 3.92 -13.14
CA HIS B 240 -11.13 5.19 -13.85
C HIS B 240 -10.03 5.18 -14.90
N LEU B 241 -8.94 4.49 -14.60
CA LEU B 241 -7.82 4.40 -15.53
C LEU B 241 -8.26 3.61 -16.77
N CYS B 242 -9.13 2.64 -16.56
CA CYS B 242 -9.64 1.81 -17.64
C CYS B 242 -10.51 2.65 -18.56
N ARG B 243 -11.39 3.44 -17.97
CA ARG B 243 -12.28 4.30 -18.74
C ARG B 243 -11.52 5.23 -19.65
N GLU B 244 -10.38 5.74 -19.19
CA GLU B 244 -9.57 6.65 -19.98
C GLU B 244 -8.82 5.87 -21.07
N PHE B 245 -8.29 4.70 -20.74
CA PHE B 245 -7.56 3.94 -21.73
C PHE B 245 -8.48 3.65 -22.91
N MET B 246 -9.67 3.12 -22.62
CA MET B 246 -10.63 2.78 -23.66
C MET B 246 -11.13 4.02 -24.39
N GLU B 247 -11.21 5.14 -23.68
CA GLU B 247 -11.71 6.39 -24.26
C GLU B 247 -10.64 7.08 -25.12
N ALA B 248 -9.38 6.71 -24.91
CA ALA B 248 -8.28 7.31 -25.65
C ALA B 248 -7.01 6.48 -25.49
N PRO B 249 -6.96 5.31 -26.14
CA PRO B 249 -5.82 4.40 -26.10
C PRO B 249 -4.50 5.10 -26.39
N SER B 250 -3.51 4.84 -25.53
CA SER B 250 -2.16 5.41 -25.66
C SER B 250 -1.22 4.44 -24.99
N LEU B 251 -0.05 4.20 -25.57
CA LEU B 251 0.86 3.25 -24.93
C LEU B 251 1.58 3.94 -23.78
N GLY B 252 1.12 5.14 -23.45
CA GLY B 252 1.72 5.88 -22.35
C GLY B 252 1.21 5.33 -21.05
N PHE B 253 0.25 4.40 -21.14
CA PHE B 253 -0.33 3.77 -19.96
C PHE B 253 0.52 2.58 -19.50
N PHE B 254 1.50 2.20 -20.32
CA PHE B 254 2.37 1.07 -19.98
C PHE B 254 3.78 1.55 -19.70
N LYS B 255 4.01 2.83 -19.94
CA LYS B 255 5.31 3.41 -19.72
C LYS B 255 5.29 4.06 -18.37
N PRO B 256 6.27 3.74 -17.51
CA PRO B 256 6.35 4.32 -16.17
C PRO B 256 6.24 5.83 -16.24
N LYS B 257 5.22 6.36 -15.58
CA LYS B 257 4.94 7.79 -15.57
C LYS B 257 6.10 8.75 -15.30
N HIS B 258 5.94 9.97 -15.79
CA HIS B 258 6.94 11.04 -15.65
C HIS B 258 7.81 10.87 -14.42
N PRO B 259 9.14 10.77 -14.62
CA PRO B 259 10.04 10.60 -13.47
C PRO B 259 9.83 11.69 -12.39
N LEU B 260 9.58 12.92 -12.84
CA LEU B 260 9.35 14.06 -11.96
C LEU B 260 10.62 14.58 -11.24
N GLU B 261 11.06 15.78 -11.62
CA GLU B 261 12.26 16.42 -11.03
C GLU B 261 11.86 17.69 -10.25
N ILE B 262 11.27 18.63 -10.97
CA ILE B 262 10.81 19.90 -10.43
C ILE B 262 11.81 20.68 -9.57
N GLU B 263 11.58 21.98 -9.50
CA GLU B 263 12.41 22.91 -8.74
C GLU B 263 11.75 23.25 -7.42
N PRO B 264 12.51 23.21 -6.32
CA PRO B 264 11.97 23.52 -4.99
C PRO B 264 11.54 24.97 -4.87
N GLU B 265 11.80 25.75 -5.91
CA GLU B 265 11.42 27.15 -5.86
C GLU B 265 9.99 27.27 -6.32
N ARG B 266 9.61 26.46 -7.31
CA ARG B 266 8.26 26.47 -7.83
C ARG B 266 7.28 26.08 -6.74
N LEU B 267 7.70 25.15 -5.89
CA LEU B 267 6.85 24.69 -4.79
C LEU B 267 6.58 25.82 -3.80
N ARG B 268 7.63 26.51 -3.38
CA ARG B 268 7.52 27.61 -2.45
C ARG B 268 6.45 28.61 -2.91
N LYS B 269 6.33 28.78 -4.22
CA LYS B 269 5.35 29.71 -4.78
C LYS B 269 3.96 29.12 -4.90
N ILE B 270 3.87 27.87 -5.31
CA ILE B 270 2.58 27.23 -5.43
C ILE B 270 1.96 27.21 -4.03
N VAL B 271 2.81 27.09 -3.02
CA VAL B 271 2.35 27.07 -1.64
C VAL B 271 1.90 28.45 -1.19
N GLU B 272 2.67 29.46 -1.55
CA GLU B 272 2.32 30.83 -1.19
C GLU B 272 1.03 31.23 -1.90
N GLU B 273 0.87 30.76 -3.14
CA GLU B 273 -0.33 31.06 -3.92
C GLU B 273 -1.55 30.42 -3.25
N ARG B 274 -1.32 29.27 -2.62
CA ARG B 274 -2.39 28.54 -1.93
C ARG B 274 -2.68 29.16 -0.57
N GLY B 275 -1.75 30.01 -0.11
CA GLY B 275 -1.88 30.67 1.17
C GLY B 275 -2.24 29.73 2.30
N THR B 276 -1.80 28.48 2.18
CA THR B 276 -2.10 27.47 3.19
C THR B 276 -0.94 27.22 4.11
N ALA B 277 -1.17 26.33 5.07
CA ALA B 277 -0.18 25.93 6.04
C ALA B 277 0.34 24.53 5.67
N VAL B 278 1.61 24.48 5.27
CA VAL B 278 2.24 23.22 4.87
C VAL B 278 3.41 22.91 5.78
N PHE B 279 3.30 21.83 6.53
CA PHE B 279 4.35 21.44 7.46
C PHE B 279 4.48 19.93 7.56
N ALA B 280 5.59 19.46 8.11
CA ALA B 280 5.82 18.03 8.24
C ALA B 280 6.29 17.61 9.63
N VAL B 281 5.99 16.36 9.98
CA VAL B 281 6.44 15.83 11.26
C VAL B 281 7.60 14.91 10.93
N LYS B 282 8.79 15.27 11.39
CA LYS B 282 9.99 14.49 11.11
C LYS B 282 10.41 13.66 12.30
N PHE B 283 10.90 12.46 12.02
CA PHE B 283 11.38 11.56 13.07
C PHE B 283 12.21 10.43 12.46
N ARG B 284 12.95 9.71 13.29
CA ARG B 284 13.78 8.63 12.80
C ARG B 284 13.06 7.38 12.38
N LYS B 285 13.35 6.92 11.17
CA LYS B 285 12.73 5.74 10.62
C LYS B 285 12.99 4.52 11.47
N PRO B 286 11.93 3.92 11.99
CA PRO B 286 12.08 2.73 12.82
C PRO B 286 12.71 1.67 11.92
N ASP B 287 13.68 0.93 12.43
CA ASP B 287 14.32 -0.11 11.62
C ASP B 287 13.49 -1.39 11.64
N ILE B 288 12.39 -1.38 10.88
CA ILE B 288 11.50 -2.51 10.80
C ILE B 288 11.07 -2.67 9.37
N VAL B 289 10.46 -3.81 9.08
CA VAL B 289 10.01 -4.14 7.74
C VAL B 289 9.01 -3.15 7.14
N ASP B 290 9.05 -2.96 5.83
CA ASP B 290 8.11 -2.05 5.17
C ASP B 290 6.68 -2.41 5.47
N ASP B 291 6.40 -3.70 5.49
CA ASP B 291 5.07 -4.20 5.76
C ASP B 291 4.57 -3.89 7.15
N ASN B 292 5.45 -3.37 7.99
CA ASN B 292 5.06 -2.99 9.35
C ASN B 292 5.09 -1.48 9.44
N LEU B 293 6.08 -0.90 8.79
CA LEU B 293 6.25 0.55 8.79
C LEU B 293 5.04 1.30 8.22
N TYR B 294 4.76 1.10 6.93
CA TYR B 294 3.65 1.80 6.29
C TYR B 294 2.30 1.79 7.00
N PRO B 295 1.84 0.63 7.47
CA PRO B 295 0.54 0.66 8.15
C PRO B 295 0.57 1.64 9.32
N GLN B 296 1.73 1.69 9.98
CA GLN B 296 1.92 2.58 11.12
C GLN B 296 1.87 4.01 10.64
N LEU B 297 2.67 4.32 9.63
CA LEU B 297 2.68 5.67 9.06
C LEU B 297 1.27 6.12 8.66
N GLU B 298 0.43 5.20 8.21
CA GLU B 298 -0.93 5.52 7.81
C GLU B 298 -1.73 5.88 9.05
N ARG B 299 -1.50 5.13 10.12
CA ARG B 299 -2.20 5.36 11.37
C ARG B 299 -1.80 6.71 11.96
N ALA B 300 -0.50 6.87 12.23
CA ALA B 300 0.02 8.11 12.81
C ALA B 300 -0.52 9.28 12.02
N SER B 301 -0.39 9.19 10.70
CA SER B 301 -0.83 10.23 9.80
C SER B 301 -2.31 10.56 10.02
N ARG B 302 -3.13 9.51 10.09
CA ARG B 302 -4.57 9.68 10.29
C ARG B 302 -4.82 10.34 11.64
N LYS B 303 -4.29 9.75 12.70
CA LYS B 303 -4.46 10.29 14.04
C LYS B 303 -4.15 11.78 14.08
N ILE B 304 -3.01 12.19 13.51
CA ILE B 304 -2.63 13.61 13.49
C ILE B 304 -3.70 14.41 12.76
N PHE B 305 -4.16 13.85 11.64
CA PHE B 305 -5.17 14.47 10.78
C PHE B 305 -6.51 14.63 11.51
N GLU B 306 -6.96 13.57 12.15
CA GLU B 306 -8.22 13.58 12.86
C GLU B 306 -8.12 14.59 13.98
N PHE B 307 -6.91 14.81 14.48
CA PHE B 307 -6.73 15.78 15.53
C PHE B 307 -6.89 17.16 14.88
N LEU B 308 -6.06 17.41 13.87
CA LEU B 308 -6.11 18.68 13.16
C LEU B 308 -7.52 19.10 12.79
N GLU B 309 -8.38 18.15 12.41
CA GLU B 309 -9.72 18.55 12.02
C GLU B 309 -10.63 18.94 13.18
N ARG B 310 -10.71 18.10 14.20
CA ARG B 310 -11.58 18.44 15.31
C ARG B 310 -11.09 19.70 15.98
N GLU B 311 -9.85 20.08 15.70
CA GLU B 311 -9.29 21.28 16.30
C GLU B 311 -9.60 22.49 15.41
N ASN B 312 -10.38 22.26 14.36
CA ASN B 312 -10.81 23.33 13.45
C ASN B 312 -9.78 23.96 12.51
N PHE B 313 -8.61 23.35 12.39
CA PHE B 313 -7.58 23.90 11.51
C PHE B 313 -7.90 23.61 10.04
N MET B 314 -8.98 22.86 9.81
CA MET B 314 -9.43 22.52 8.46
C MET B 314 -8.30 21.92 7.64
N PRO B 315 -7.98 20.64 7.90
CA PRO B 315 -6.92 19.98 7.16
C PRO B 315 -7.38 19.65 5.76
N LEU B 316 -6.50 19.72 4.78
CA LEU B 316 -6.87 19.40 3.40
C LEU B 316 -6.59 17.94 3.11
N ARG B 317 -5.33 17.57 3.12
CA ARG B 317 -4.96 16.19 2.90
C ARG B 317 -3.72 15.93 3.70
N SER B 318 -3.20 14.72 3.58
CA SER B 318 -1.98 14.34 4.29
C SER B 318 -1.31 13.25 3.48
N ALA B 319 -0.01 13.08 3.70
CA ALA B 319 0.74 12.05 3.00
C ALA B 319 2.04 11.81 3.76
N PHE B 320 2.63 10.64 3.59
CA PHE B 320 3.88 10.34 4.26
C PHE B 320 4.95 9.81 3.30
N LYS B 321 6.20 9.99 3.67
CA LYS B 321 7.29 9.54 2.83
C LYS B 321 8.36 9.05 3.77
N ALA B 322 8.97 7.92 3.42
CA ALA B 322 10.02 7.37 4.26
C ALA B 322 11.32 7.26 3.50
N SER B 323 12.31 8.05 3.93
CA SER B 323 13.62 7.98 3.31
C SER B 323 14.26 6.78 4.02
N GLU B 324 15.55 6.55 3.79
CA GLU B 324 16.19 5.42 4.45
C GLU B 324 16.46 5.72 5.93
N GLU B 325 16.61 7.00 6.26
CA GLU B 325 16.88 7.36 7.65
C GLU B 325 15.71 8.01 8.38
N PHE B 326 14.87 8.74 7.66
CA PHE B 326 13.76 9.39 8.31
C PHE B 326 12.39 9.12 7.70
N CYS B 327 11.37 9.54 8.43
CA CYS B 327 9.99 9.43 7.99
C CYS B 327 9.40 10.83 8.05
N TYR B 328 8.37 11.07 7.26
CA TYR B 328 7.76 12.38 7.26
C TYR B 328 6.25 12.29 7.28
N LEU B 329 5.64 13.07 8.15
CA LEU B 329 4.20 13.12 8.18
C LEU B 329 3.94 14.50 7.61
N LEU B 330 3.32 14.54 6.44
CA LEU B 330 3.02 15.77 5.74
C LEU B 330 1.56 16.20 5.91
N PHE B 331 1.35 17.51 5.96
CA PHE B 331 0.02 18.07 6.13
C PHE B 331 -0.12 19.46 5.54
N GLU B 332 -1.34 19.79 5.13
CA GLU B 332 -1.67 21.10 4.56
C GLU B 332 -3.02 21.45 5.14
N CYS B 333 -3.13 22.62 5.77
CA CYS B 333 -4.39 23.04 6.35
C CYS B 333 -4.84 24.40 5.83
N GLN B 334 -6.12 24.72 6.02
CA GLN B 334 -6.62 25.99 5.56
C GLN B 334 -6.36 27.11 6.56
N ILE B 335 -6.29 26.76 7.84
CA ILE B 335 -6.10 27.77 8.89
C ILE B 335 -4.68 27.85 9.42
N LYS B 336 -3.93 28.85 8.96
CA LYS B 336 -2.57 29.03 9.40
C LYS B 336 -2.59 29.50 10.83
N GLU B 337 -3.65 30.23 11.18
CA GLU B 337 -3.77 30.73 12.54
C GLU B 337 -5.24 30.97 12.91
N ILE B 338 -5.63 30.51 14.10
CA ILE B 338 -7.00 30.68 14.56
C ILE B 338 -7.00 31.54 15.83
N SER B 339 -8.16 32.05 16.19
CA SER B 339 -8.27 32.91 17.36
C SER B 339 -8.03 32.14 18.66
N ARG B 340 -7.77 32.88 19.72
CA ARG B 340 -7.53 32.29 21.02
C ARG B 340 -8.89 31.84 21.60
N VAL B 341 -9.89 32.73 21.54
CA VAL B 341 -11.23 32.43 22.06
C VAL B 341 -12.10 31.57 21.15
N PHE B 342 -13.11 30.95 21.74
CA PHE B 342 -14.05 30.13 20.99
C PHE B 342 -15.32 29.88 21.81
N ARG B 343 -16.35 29.32 21.17
CA ARG B 343 -17.62 29.06 21.83
C ARG B 343 -17.85 27.63 22.29
N ARG B 344 -18.04 27.43 23.58
CA ARG B 344 -18.32 26.08 24.06
C ARG B 344 -19.82 26.09 24.34
N MET B 345 -20.52 25.05 23.90
CA MET B 345 -21.97 24.97 24.08
C MET B 345 -22.42 24.46 25.45
N GLY B 346 -23.13 25.32 26.17
CA GLY B 346 -23.64 24.94 27.47
C GLY B 346 -25.07 24.44 27.35
N PRO B 347 -25.75 24.21 28.48
CA PRO B 347 -27.14 23.73 28.54
C PRO B 347 -28.24 24.72 28.16
N GLN B 348 -29.48 24.25 28.22
CA GLN B 348 -30.64 25.05 27.91
C GLN B 348 -31.13 25.69 29.19
N PHE B 349 -31.38 27.00 29.15
CA PHE B 349 -31.82 27.78 30.31
C PHE B 349 -32.86 27.05 31.15
N GLU B 350 -33.65 26.21 30.49
CA GLU B 350 -34.69 25.45 31.15
C GLU B 350 -34.23 24.80 32.45
N ASP B 351 -33.30 23.85 32.36
CA ASP B 351 -32.83 23.16 33.57
C ASP B 351 -31.71 23.90 34.29
N GLU B 352 -32.06 24.56 35.39
CA GLU B 352 -31.07 25.33 36.14
C GLU B 352 -29.98 24.50 36.77
N ARG B 353 -30.25 23.21 36.95
CA ARG B 353 -29.26 22.32 37.54
C ARG B 353 -27.93 22.46 36.82
N ASN B 354 -27.91 22.14 35.53
CA ASN B 354 -26.66 22.24 34.81
C ASN B 354 -26.26 23.68 34.50
N VAL B 355 -27.23 24.55 34.25
CA VAL B 355 -26.86 25.93 33.97
C VAL B 355 -25.97 26.42 35.10
N LYS B 356 -26.35 26.13 36.34
CA LYS B 356 -25.56 26.55 37.49
C LYS B 356 -24.19 25.92 37.44
N LYS B 357 -24.12 24.62 37.16
CA LYS B 357 -22.83 23.95 37.07
C LYS B 357 -22.01 24.53 35.93
N PHE B 358 -22.68 24.92 34.86
CA PHE B 358 -21.98 25.49 33.71
C PHE B 358 -21.48 26.88 34.04
N LEU B 359 -22.37 27.72 34.55
CA LEU B 359 -22.01 29.09 34.91
C LEU B 359 -20.96 29.16 35.99
N SER B 360 -21.04 28.28 36.97
CA SER B 360 -20.07 28.30 38.06
C SER B 360 -18.78 27.68 37.54
N ARG B 361 -17.97 28.48 36.89
CA ARG B 361 -16.71 27.98 36.37
C ARG B 361 -15.77 29.13 36.03
N ASN B 362 -14.60 29.06 36.63
CA ASN B 362 -13.51 30.02 36.47
C ASN B 362 -13.33 30.38 35.00
N ARG B 363 -14.20 31.25 34.49
CA ARG B 363 -14.18 31.64 33.06
C ARG B 363 -13.71 33.08 32.88
N ALA B 364 -12.94 33.32 31.83
CA ALA B 364 -12.41 34.65 31.56
C ALA B 364 -13.41 35.68 31.05
N PHE B 365 -14.36 35.25 30.23
CA PHE B 365 -15.34 36.16 29.65
C PHE B 365 -16.77 36.02 30.10
N ARG B 366 -17.08 34.98 30.85
CA ARG B 366 -18.45 34.79 31.32
C ARG B 366 -19.45 34.56 30.17
N PRO B 367 -20.12 33.40 30.20
CA PRO B 367 -21.13 32.90 29.25
C PRO B 367 -22.31 33.83 29.01
N PHE B 368 -22.97 33.60 27.87
CA PHE B 368 -24.13 34.38 27.48
C PHE B 368 -25.26 33.46 27.09
N ILE B 369 -26.33 34.04 26.56
CA ILE B 369 -27.48 33.25 26.11
C ILE B 369 -27.79 33.49 24.64
N GLU B 370 -27.95 32.39 23.91
CA GLU B 370 -28.26 32.45 22.49
C GLU B 370 -29.17 31.29 22.14
N ASN B 371 -30.41 31.61 21.83
CA ASN B 371 -31.41 30.61 21.48
C ASN B 371 -31.70 29.58 22.54
N GLY B 372 -32.22 30.07 23.67
CA GLY B 372 -32.61 29.19 24.76
C GLY B 372 -31.54 28.37 25.42
N ARG B 373 -30.28 28.53 25.00
CA ARG B 373 -29.22 27.77 25.64
C ARG B 373 -27.96 28.59 25.84
N TRP B 374 -27.30 28.36 26.97
CA TRP B 374 -26.09 29.10 27.30
C TRP B 374 -24.89 28.70 26.47
N TRP B 375 -23.96 29.64 26.33
CA TRP B 375 -22.74 29.42 25.59
C TRP B 375 -21.63 30.08 26.38
N ALA B 376 -20.42 29.56 26.27
CA ALA B 376 -19.29 30.15 26.99
C ALA B 376 -18.12 30.41 26.04
N PHE B 377 -17.35 31.46 26.35
CA PHE B 377 -16.18 31.79 25.56
C PHE B 377 -15.02 31.11 26.27
N GLU B 378 -14.30 30.28 25.52
CA GLU B 378 -13.17 29.55 26.06
C GLU B 378 -11.92 30.03 25.33
N MET B 379 -10.75 29.73 25.88
CA MET B 379 -9.49 30.13 25.27
C MET B 379 -8.67 28.92 24.83
N ARG B 380 -8.03 29.01 23.67
CA ARG B 380 -7.23 27.88 23.15
C ARG B 380 -5.79 27.87 23.69
N LYS B 381 -5.28 26.65 23.91
CA LYS B 381 -3.93 26.50 24.43
C LYS B 381 -2.91 26.73 23.31
N PHE B 382 -3.37 26.59 22.08
CA PHE B 382 -2.51 26.78 20.89
C PHE B 382 -3.31 27.44 19.79
N THR B 383 -2.64 28.12 18.87
CA THR B 383 -3.33 28.82 17.79
C THR B 383 -2.97 28.42 16.37
N THR B 384 -1.85 27.76 16.18
CA THR B 384 -1.51 27.36 14.82
C THR B 384 -1.61 25.85 14.72
N PRO B 385 -1.51 25.31 13.51
CA PRO B 385 -1.60 23.84 13.34
C PRO B 385 -0.34 23.16 13.91
N GLU B 386 0.79 23.82 13.79
CA GLU B 386 2.04 23.27 14.28
C GLU B 386 2.00 23.23 15.81
N GLU B 387 1.71 24.38 16.42
CA GLU B 387 1.63 24.46 17.87
C GLU B 387 0.76 23.32 18.36
N GLY B 388 -0.32 23.07 17.62
CA GLY B 388 -1.24 22.00 17.98
C GLY B 388 -0.65 20.61 17.87
N VAL B 389 0.06 20.34 16.78
CA VAL B 389 0.64 19.02 16.60
C VAL B 389 1.80 18.80 17.56
N ARG B 390 2.62 19.82 17.76
CA ARG B 390 3.74 19.69 18.68
C ARG B 390 3.18 19.22 20.00
N SER B 391 2.00 19.73 20.33
CA SER B 391 1.36 19.39 21.58
C SER B 391 0.84 17.97 21.58
N TYR B 392 0.20 17.61 20.47
CA TYR B 392 -0.39 16.30 20.29
C TYR B 392 0.66 15.21 20.21
N ALA B 393 1.57 15.34 19.25
CA ALA B 393 2.60 14.34 19.07
C ALA B 393 3.51 14.19 20.27
N SER B 394 3.55 15.18 21.15
CA SER B 394 4.39 15.08 22.33
C SER B 394 3.63 14.36 23.42
N THR B 395 2.33 14.57 23.42
CA THR B 395 1.47 13.98 24.41
C THR B 395 0.86 12.64 24.02
N HIS B 396 0.49 12.48 22.76
CA HIS B 396 -0.15 11.23 22.30
C HIS B 396 0.69 10.25 21.47
N TRP B 397 2.01 10.39 21.52
CA TRP B 397 2.88 9.49 20.78
C TRP B 397 2.45 8.01 20.86
N HIS B 398 2.13 7.54 22.07
CA HIS B 398 1.77 6.15 22.20
C HIS B 398 0.64 5.66 21.30
N THR B 399 -0.06 6.57 20.66
CA THR B 399 -1.14 6.10 19.81
C THR B 399 -0.80 6.14 18.32
N LEU B 400 0.39 6.62 18.00
CA LEU B 400 0.81 6.75 16.60
C LEU B 400 1.51 5.52 16.03
N GLY B 401 1.04 4.33 16.43
CA GLY B 401 1.67 3.11 15.96
C GLY B 401 2.73 2.64 16.96
N LYS B 402 2.83 1.33 17.15
CA LYS B 402 3.80 0.77 18.10
C LYS B 402 5.20 1.33 17.90
N ASN B 403 5.80 1.02 16.76
CA ASN B 403 7.15 1.46 16.46
C ASN B 403 7.27 2.93 16.12
N VAL B 404 6.47 3.42 15.18
CA VAL B 404 6.52 4.83 14.81
C VAL B 404 6.28 5.68 16.06
N GLY B 405 5.28 5.28 16.84
CA GLY B 405 4.95 5.99 18.05
C GLY B 405 6.13 6.13 18.98
N GLU B 406 6.94 5.08 19.10
CA GLU B 406 8.10 5.10 19.98
C GLU B 406 9.26 5.93 19.49
N SER B 407 9.41 6.05 18.18
CA SER B 407 10.49 6.86 17.65
C SER B 407 10.17 8.32 17.96
N ILE B 408 8.92 8.70 17.69
CA ILE B 408 8.47 10.06 17.94
C ILE B 408 8.61 10.39 19.42
N ARG B 409 8.34 9.42 20.28
CA ARG B 409 8.49 9.64 21.71
C ARG B 409 9.93 10.07 22.01
N GLU B 410 10.89 9.43 21.36
CA GLU B 410 12.28 9.78 21.61
C GLU B 410 12.83 10.94 20.80
N TYR B 411 12.09 11.38 19.80
CA TYR B 411 12.51 12.51 18.97
C TYR B 411 11.54 12.75 17.83
N PHE B 412 11.24 14.02 17.60
CA PHE B 412 10.35 14.42 16.51
C PHE B 412 10.39 15.93 16.43
N GLU B 413 10.33 16.46 15.22
CA GLU B 413 10.35 17.90 15.00
C GLU B 413 9.35 18.31 13.91
N ILE B 414 9.01 19.60 13.88
CA ILE B 414 8.07 20.12 12.89
C ILE B 414 8.80 21.09 11.99
N ILE B 415 8.71 20.86 10.69
CA ILE B 415 9.40 21.70 9.71
C ILE B 415 8.47 22.45 8.77
N SER B 416 8.63 23.78 8.73
CA SER B 416 7.80 24.66 7.90
C SER B 416 8.59 25.45 6.87
N GLY B 417 7.83 26.22 6.09
CA GLY B 417 8.42 27.06 5.07
C GLY B 417 9.64 26.58 4.31
N GLU B 418 10.60 27.49 4.16
CA GLU B 418 11.84 27.22 3.43
C GLU B 418 12.58 25.96 3.91
N LYS B 419 12.78 25.83 5.21
CA LYS B 419 13.48 24.64 5.69
C LYS B 419 12.72 23.34 5.43
N LEU B 420 11.49 23.44 4.92
CA LEU B 420 10.69 22.24 4.64
C LEU B 420 10.90 21.73 3.23
N PHE B 421 11.17 22.65 2.30
CA PHE B 421 11.36 22.30 0.90
C PHE B 421 12.74 21.73 0.63
N LYS B 422 13.58 21.70 1.66
CA LYS B 422 14.93 21.17 1.54
C LYS B 422 14.92 19.65 1.74
N GLU B 423 14.07 19.18 2.65
CA GLU B 423 13.94 17.76 2.91
C GLU B 423 13.44 17.07 1.62
N PRO B 424 13.49 15.73 1.57
CA PRO B 424 13.06 14.91 0.42
C PRO B 424 11.56 14.63 0.34
N VAL B 425 10.74 15.66 0.22
CA VAL B 425 9.30 15.46 0.17
C VAL B 425 8.62 16.21 -0.98
N THR B 426 9.40 17.03 -1.66
CA THR B 426 8.87 17.81 -2.77
C THR B 426 7.99 16.95 -3.70
N ALA B 427 8.40 15.72 -3.94
CA ALA B 427 7.63 14.82 -4.80
C ALA B 427 6.26 14.58 -4.20
N GLU B 428 6.23 14.20 -2.93
CA GLU B 428 4.98 13.93 -2.24
C GLU B 428 4.11 15.18 -2.09
N LEU B 429 4.69 16.27 -1.61
CA LEU B 429 3.94 17.51 -1.42
C LEU B 429 3.25 17.96 -2.71
N CYS B 430 4.03 18.02 -3.79
CA CYS B 430 3.47 18.45 -5.07
C CYS B 430 2.33 17.51 -5.39
N GLU B 431 2.58 16.22 -5.23
CA GLU B 431 1.58 15.19 -5.48
C GLU B 431 0.32 15.44 -4.65
N MET B 432 0.52 15.77 -3.39
CA MET B 432 -0.56 16.02 -2.43
C MET B 432 -1.41 17.21 -2.78
N MET B 433 -0.78 18.25 -3.29
CA MET B 433 -1.48 19.48 -3.66
C MET B 433 -2.03 19.44 -5.08
N GLY B 434 -1.81 18.33 -5.77
CA GLY B 434 -2.31 18.19 -7.11
C GLY B 434 -1.68 19.17 -8.09
N VAL B 435 -0.41 19.50 -7.85
CA VAL B 435 0.29 20.43 -8.74
C VAL B 435 0.46 19.70 -10.06
N LYS B 436 -0.33 20.08 -11.05
CA LYS B 436 -0.22 19.42 -12.34
C LYS B 436 0.99 19.91 -13.10
N ASP B 437 1.30 19.19 -14.18
CA ASP B 437 2.41 19.49 -15.07
C ASP B 437 2.89 18.18 -15.70
#